data_6ON6
#
_entry.id   6ON6
#
_cell.length_a   46.610
_cell.length_b   46.610
_cell.length_c   196.849
_cell.angle_alpha   90.00
_cell.angle_beta   90.00
_cell.angle_gamma   120.00
#
_symmetry.space_group_name_H-M   'P 61 2 2'
#
loop_
_entity.id
_entity.type
_entity.pdbx_description
1 polymer 'NeuRonal IgCAM-5'
2 non-polymer GLYCEROL
3 non-polymer 2-acetamido-2-deoxy-beta-D-glucopyranose
4 water water
#
_entity_poly.entity_id   1
_entity_poly.type   'polypeptide(L)'
_entity_poly.pdbx_seq_one_letter_code
;GSGAPPTIQQPSMSSAVALLGQDVDFTCIVNDLGSHMVAFVKADSPPRLLSFDEKVFRRRNKYELKPRIGDLHNEWVLTI
KNVQESDRGNYSCQINTEPITLSTGELDVKVPHHHHHH
;
_entity_poly.pdbx_strand_id   A
#
# COMPACT_ATOMS: atom_id res chain seq x y z
N ALA A 4 -1.46 12.01 -20.14
CA ALA A 4 -2.06 10.82 -19.55
C ALA A 4 -2.29 11.04 -18.07
N PRO A 5 -3.43 10.57 -17.58
CA PRO A 5 -3.69 10.60 -16.14
C PRO A 5 -2.88 9.51 -15.46
N PRO A 6 -2.70 9.58 -14.14
CA PRO A 6 -2.10 8.43 -13.46
C PRO A 6 -2.94 7.19 -13.65
N THR A 7 -2.26 6.05 -13.78
CA THR A 7 -2.93 4.76 -13.79
C THR A 7 -2.12 3.80 -12.93
N ILE A 8 -2.77 2.76 -12.48
CA ILE A 8 -2.08 1.78 -11.64
C ILE A 8 -1.83 0.52 -12.45
N GLN A 9 -0.56 0.19 -12.63
CA GLN A 9 -0.19 -0.92 -13.48
C GLN A 9 -0.58 -2.22 -12.83
N GLN A 10 -1.00 -3.15 -13.56
CA GLN A 10 -1.37 -4.41 -12.96
C GLN A 10 -0.37 -5.51 -13.28
N PRO A 11 -0.06 -6.40 -12.34
CA PRO A 11 -0.65 -6.51 -11.00
C PRO A 11 -0.07 -5.50 -10.02
N SER A 12 -0.96 -4.85 -9.27
CA SER A 12 -0.64 -4.00 -8.13
C SER A 12 -1.58 -4.40 -7.00
N MET A 13 -1.10 -4.26 -5.74
CA MET A 13 -1.95 -4.52 -4.56
C MET A 13 -2.59 -5.92 -4.66
N SER A 14 -1.73 -6.89 -4.96
CA SER A 14 -2.15 -8.28 -4.99
C SER A 14 -2.51 -8.79 -3.59
N SER A 15 -3.58 -9.54 -3.50
CA SER A 15 -3.90 -10.17 -2.23
C SER A 15 -2.80 -11.12 -1.79
N ALA A 16 -2.70 -11.32 -0.47
CA ALA A 16 -1.61 -12.10 0.10
C ALA A 16 -2.13 -12.86 1.31
N VAL A 17 -1.38 -13.89 1.71
CA VAL A 17 -1.66 -14.62 2.94
C VAL A 17 -0.38 -14.66 3.77
N ALA A 18 -0.52 -14.87 5.08
CA ALA A 18 0.66 -14.84 5.96
C ALA A 18 0.36 -15.60 7.22
N LEU A 19 1.39 -16.19 7.79
CA LEU A 19 1.34 -16.70 9.16
C LEU A 19 1.69 -15.57 10.14
N LEU A 20 1.30 -15.74 11.41
CA LEU A 20 1.70 -14.76 12.42
C LEU A 20 3.22 -14.58 12.40
N GLY A 21 3.66 -13.33 12.44
CA GLY A 21 5.06 -12.97 12.44
C GLY A 21 5.69 -12.80 11.08
N GLN A 22 5.00 -13.19 10.00
CA GLN A 22 5.55 -13.11 8.66
C GLN A 22 5.49 -11.66 8.20
N ASP A 23 6.43 -11.25 7.34
CA ASP A 23 6.35 -9.93 6.72
C ASP A 23 5.69 -10.04 5.36
N VAL A 24 4.89 -9.05 5.00
CA VAL A 24 4.18 -9.05 3.71
C VAL A 24 4.27 -7.68 3.06
N ASP A 25 4.45 -7.65 1.73
CA ASP A 25 4.48 -6.40 0.99
C ASP A 25 3.22 -6.26 0.12
N PHE A 26 2.76 -5.02 0.00
CA PHE A 26 1.79 -4.60 -1.03
C PHE A 26 2.49 -3.59 -1.91
N THR A 27 2.48 -3.82 -3.22
CA THR A 27 3.15 -2.92 -4.16
C THR A 27 2.14 -2.20 -5.06
N CYS A 28 2.26 -0.89 -5.12
CA CYS A 28 1.44 -0.06 -6.00
C CYS A 28 2.37 0.54 -7.05
N ILE A 29 2.15 0.16 -8.31
CA ILE A 29 3.01 0.63 -9.40
C ILE A 29 2.21 1.66 -10.18
N VAL A 30 2.67 2.89 -10.19
CA VAL A 30 1.87 3.96 -10.74
C VAL A 30 2.55 4.47 -11.98
N ASN A 31 1.83 4.42 -13.10
CA ASN A 31 2.27 5.01 -14.36
C ASN A 31 1.70 6.41 -14.44
N ASP A 32 2.52 7.34 -14.98
CA ASP A 32 2.09 8.71 -15.22
C ASP A 32 1.62 9.43 -13.95
N LEU A 33 2.32 9.22 -12.83
CA LEU A 33 1.92 9.83 -11.57
C LEU A 33 2.00 11.36 -11.65
N GLY A 34 3.00 11.89 -12.35
CA GLY A 34 3.21 13.33 -12.33
C GLY A 34 3.36 13.87 -10.91
N SER A 35 2.65 14.96 -10.63
CA SER A 35 2.73 15.63 -9.34
C SER A 35 1.68 15.12 -8.38
N HIS A 36 1.01 14.03 -8.71
CA HIS A 36 -0.02 13.52 -7.83
C HIS A 36 0.60 12.82 -6.62
N MET A 37 -0.21 12.69 -5.57
CA MET A 37 0.21 12.10 -4.31
C MET A 37 -0.36 10.69 -4.18
N VAL A 38 0.42 9.80 -3.56
CA VAL A 38 0.04 8.41 -3.28
C VAL A 38 -0.16 8.25 -1.79
N ALA A 39 -1.27 7.63 -1.40
CA ALA A 39 -1.52 7.33 0.01
C ALA A 39 -1.87 5.86 0.14
N PHE A 40 -1.41 5.21 1.20
CA PHE A 40 -1.83 3.84 1.52
C PHE A 40 -2.75 3.88 2.72
N VAL A 41 -3.86 3.14 2.65
CA VAL A 41 -4.86 3.17 3.71
C VAL A 41 -5.29 1.73 4.00
N LYS A 42 -5.64 1.45 5.25
CA LYS A 42 -6.25 0.19 5.61
C LYS A 42 -7.74 0.43 5.83
N ALA A 43 -8.57 -0.44 5.27
CA ALA A 43 -10.02 -0.36 5.50
C ALA A 43 -10.32 -0.95 6.86
N ASP A 44 -11.00 -0.18 7.69
CA ASP A 44 -11.27 -0.56 9.06
C ASP A 44 -12.26 0.46 9.58
N SER A 45 -12.79 0.21 10.76
CA SER A 45 -13.71 1.17 11.36
C SER A 45 -13.09 1.69 12.65
N PRO A 46 -12.51 2.89 12.65
CA PRO A 46 -12.30 3.74 11.46
C PRO A 46 -11.08 3.31 10.64
N PRO A 47 -11.00 3.76 9.38
CA PRO A 47 -9.83 3.41 8.56
C PRO A 47 -8.59 4.04 9.14
N ARG A 48 -7.45 3.57 8.67
CA ARG A 48 -6.17 4.04 9.16
C ARG A 48 -5.35 4.49 7.97
N LEU A 49 -4.95 5.75 7.98
CA LEU A 49 -3.90 6.17 7.06
C LEU A 49 -2.59 5.48 7.45
N LEU A 50 -1.95 4.84 6.46
CA LEU A 50 -0.69 4.16 6.69
C LEU A 50 0.51 4.93 6.16
N SER A 51 0.36 5.66 5.05
CA SER A 51 1.45 6.46 4.51
C SER A 51 0.87 7.54 3.63
N PHE A 52 1.60 8.63 3.50
CA PHE A 52 1.23 9.72 2.62
C PHE A 52 2.48 10.16 1.87
N ASP A 53 2.40 10.23 0.54
CA ASP A 53 3.59 10.60 -0.24
C ASP A 53 4.74 9.67 0.18
N GLU A 54 5.85 10.20 0.67
CA GLU A 54 7.04 9.38 0.87
C GLU A 54 7.26 8.92 2.30
N LYS A 55 6.33 9.19 3.20
CA LYS A 55 6.56 8.92 4.61
C LYS A 55 5.44 8.09 5.19
N VAL A 56 5.81 7.09 5.99
CA VAL A 56 4.82 6.40 6.82
C VAL A 56 4.19 7.38 7.81
N PHE A 57 2.90 7.20 8.06
CA PHE A 57 2.19 8.08 8.99
C PHE A 57 2.70 7.92 10.41
N ARG A 58 2.87 6.69 10.85
CA ARG A 58 3.26 6.38 12.22
C ARG A 58 3.74 4.94 12.23
N ARG A 59 4.25 4.51 13.39
CA ARG A 59 4.73 3.15 13.63
C ARG A 59 5.72 2.71 12.55
N ARG A 60 6.87 3.40 12.56
CA ARG A 60 7.94 3.13 11.61
C ARG A 60 8.56 1.75 11.78
N ASN A 61 8.43 1.13 12.97
CA ASN A 61 8.89 -0.24 13.14
C ASN A 61 7.88 -1.28 12.67
N LYS A 62 6.65 -0.87 12.37
CA LYS A 62 5.59 -1.77 11.92
C LYS A 62 5.34 -1.72 10.41
N TYR A 63 5.34 -0.54 9.85
CA TYR A 63 5.08 -0.32 8.43
C TYR A 63 6.33 0.33 7.89
N GLU A 64 6.73 -0.11 6.73
CA GLU A 64 7.83 0.50 6.03
C GLU A 64 7.30 0.89 4.66
N LEU A 65 7.80 1.99 4.17
CA LEU A 65 7.44 2.43 2.84
C LEU A 65 8.72 2.68 2.07
N LYS A 66 8.81 2.07 0.90
CA LYS A 66 9.88 2.36 -0.04
C LYS A 66 9.23 3.09 -1.19
N PRO A 67 9.20 4.41 -1.16
CA PRO A 67 8.46 5.17 -2.16
C PRO A 67 9.36 5.39 -3.35
N ARG A 68 8.76 5.35 -4.53
CA ARG A 68 9.41 5.78 -5.76
C ARG A 68 10.64 4.94 -6.05
N ILE A 69 10.52 3.62 -5.89
CA ILE A 69 11.61 2.69 -6.20
C ILE A 69 11.27 1.91 -7.46
N GLY A 70 12.07 0.91 -7.77
CA GLY A 70 12.01 0.27 -9.06
C GLY A 70 12.78 1.03 -10.15
N ASP A 71 12.88 0.40 -11.32
CA ASP A 71 13.64 1.00 -12.41
C ASP A 71 13.10 2.39 -12.80
N LEU A 72 11.78 2.57 -12.71
CA LEU A 72 11.10 3.77 -13.16
C LEU A 72 10.80 4.74 -12.04
N HIS A 73 11.30 4.44 -10.84
CA HIS A 73 11.01 5.25 -9.67
C HIS A 73 9.50 5.38 -9.47
N ASN A 74 8.74 4.35 -9.87
CA ASN A 74 7.30 4.39 -9.81
C ASN A 74 6.68 3.20 -9.08
N GLU A 75 7.48 2.41 -8.37
CA GLU A 75 6.96 1.37 -7.48
C GLU A 75 6.95 1.87 -6.05
N TRP A 76 5.81 1.72 -5.41
CA TRP A 76 5.62 2.13 -4.02
C TRP A 76 5.32 0.85 -3.25
N VAL A 77 6.21 0.46 -2.35
CA VAL A 77 6.09 -0.82 -1.67
C VAL A 77 5.85 -0.56 -0.20
N LEU A 78 4.70 -1.00 0.28
CA LEU A 78 4.36 -0.92 1.70
C LEU A 78 4.60 -2.29 2.31
N THR A 79 5.45 -2.35 3.33
CA THR A 79 5.68 -3.59 4.06
C THR A 79 4.92 -3.56 5.37
N ILE A 80 4.16 -4.61 5.63
CA ILE A 80 3.60 -4.85 6.97
C ILE A 80 4.49 -5.87 7.64
N LYS A 81 5.20 -5.42 8.67
CA LYS A 81 6.11 -6.31 9.38
C LYS A 81 5.35 -7.10 10.43
N ASN A 82 5.82 -8.32 10.72
CA ASN A 82 5.38 -9.04 11.92
C ASN A 82 3.86 -9.17 11.95
N VAL A 83 3.30 -9.76 10.88
CA VAL A 83 1.85 -9.75 10.72
C VAL A 83 1.15 -10.43 11.89
N GLN A 84 0.03 -9.83 12.32
CA GLN A 84 -0.79 -10.31 13.42
C GLN A 84 -2.23 -10.38 12.93
N GLU A 85 -3.08 -11.06 13.68
CA GLU A 85 -4.51 -11.10 13.42
C GLU A 85 -5.09 -9.71 13.16
N SER A 86 -4.67 -8.70 13.90
CA SER A 86 -5.20 -7.37 13.73
C SER A 86 -4.83 -6.76 12.39
N ASP A 87 -3.83 -7.31 11.69
CA ASP A 87 -3.47 -6.82 10.36
C ASP A 87 -4.34 -7.37 9.25
N ARG A 88 -5.21 -8.36 9.51
CA ARG A 88 -6.13 -8.86 8.48
C ARG A 88 -6.94 -7.70 7.91
N GLY A 89 -7.16 -7.73 6.59
CA GLY A 89 -8.10 -6.79 6.00
C GLY A 89 -7.62 -6.29 4.67
N ASN A 90 -8.20 -5.17 4.27
CA ASN A 90 -8.02 -4.67 2.92
C ASN A 90 -7.15 -3.43 2.90
N TYR A 91 -6.12 -3.46 2.08
CA TYR A 91 -5.14 -2.39 1.99
C TYR A 91 -5.31 -1.77 0.63
N SER A 92 -5.34 -0.46 0.57
CA SER A 92 -5.53 0.19 -0.71
C SER A 92 -4.44 1.25 -0.94
N CYS A 93 -4.03 1.44 -2.18
CA CYS A 93 -3.23 2.62 -2.50
C CYS A 93 -4.13 3.52 -3.31
N GLN A 94 -4.07 4.80 -3.04
CA GLN A 94 -4.94 5.75 -3.70
C GLN A 94 -4.17 6.97 -4.12
N ILE A 95 -4.50 7.50 -5.32
CA ILE A 95 -3.83 8.66 -5.88
C ILE A 95 -4.85 9.77 -6.00
N ASN A 96 -4.43 11.00 -5.68
CA ASN A 96 -5.35 12.15 -5.64
C ASN A 96 -5.70 12.72 -7.00
N THR A 97 -6.02 11.84 -7.92
CA THR A 97 -6.56 12.27 -9.19
C THR A 97 -8.04 12.55 -9.05
N GLU A 98 -8.56 13.22 -10.07
CA GLU A 98 -9.98 13.49 -10.22
C GLU A 98 -10.33 12.96 -11.59
N PRO A 99 -11.06 11.86 -11.69
CA PRO A 99 -11.49 11.11 -10.49
C PRO A 99 -10.36 10.27 -9.86
N ILE A 100 -10.66 9.65 -8.72
CA ILE A 100 -9.61 9.00 -7.96
C ILE A 100 -9.09 7.78 -8.71
N THR A 101 -7.88 7.37 -8.34
CA THR A 101 -7.31 6.16 -8.88
C THR A 101 -6.86 5.33 -7.68
N LEU A 102 -7.28 4.08 -7.65
CA LEU A 102 -6.93 3.25 -6.49
C LEU A 102 -6.93 1.78 -6.86
N SER A 103 -6.27 1.01 -6.01
CA SER A 103 -6.12 -0.43 -6.15
C SER A 103 -6.11 -1.00 -4.73
N THR A 104 -6.78 -2.14 -4.54
CA THR A 104 -6.95 -2.74 -3.23
C THR A 104 -6.60 -4.22 -3.26
N GLY A 105 -5.97 -4.72 -2.18
CA GLY A 105 -5.74 -6.13 -2.03
C GLY A 105 -5.98 -6.54 -0.59
N GLU A 106 -6.27 -7.82 -0.40
CA GLU A 106 -6.59 -8.36 0.92
C GLU A 106 -5.40 -9.07 1.53
N LEU A 107 -5.24 -8.91 2.85
CA LEU A 107 -4.29 -9.73 3.62
C LEU A 107 -5.10 -10.70 4.44
N ASP A 108 -4.89 -11.98 4.22
CA ASP A 108 -5.44 -13.04 5.05
C ASP A 108 -4.37 -13.50 6.04
N VAL A 109 -4.74 -13.64 7.31
CA VAL A 109 -3.77 -14.06 8.33
C VAL A 109 -4.16 -15.42 8.86
N LYS A 110 -3.24 -16.38 8.78
CA LYS A 110 -3.44 -17.73 9.30
C LYS A 110 -2.80 -17.88 10.67
N VAL A 111 -3.51 -18.51 11.60
CA VAL A 111 -2.94 -18.81 12.92
C VAL A 111 -2.45 -20.25 13.00
#